data_6NRF
#
_entry.id   6NRF
#
_cell.length_a   93.390
_cell.length_b   93.390
_cell.length_c   138.213
_cell.angle_alpha   90.000
_cell.angle_beta   90.000
_cell.angle_gamma   90.000
#
_symmetry.space_group_name_H-M   'I 41 2 2'
#
loop_
_entity.id
_entity.type
_entity.pdbx_description
1 polymer 'Poly [ADP-ribose] polymerase 1'
2 non-polymer 'CITRIC ACID'
3 non-polymer 'DIMETHYL SULFOXIDE'
4 non-polymer 2-({4-[4-(1H-benzimidazol-2-yl)piperazine-1-carbonyl]phenyl}methyl)-3-hydroxy-1-benzofuran-7-carboxamide
5 non-polymer 'CHLORIDE ION'
6 water water
#
_entity_poly.entity_id   1
_entity_poly.type   'polypeptide(L)'
_entity_poly.pdbx_seq_one_letter_code
;MGSSHHHHHHSSGLVPRGSHMTKSKLPKPVQDLIKMIFGSGSGSGGDPIDVNYEKLKTDIKVVDRDSEEAEIIRKYVKNT
HATTHNAYDLEVIDIFKIEREGECQRYKPFKQLHNRRLLWHGSRTTNFAGILSQGLRIAPPEAPVTGYMFGKGIYFADMV
SKSANYCHTSQGDPIGLILLGEVALGNMYELKHASHISKLPKGKHSVKGLGKTTPDPSANISLDGVDVPLGTGISSGVND
TSLLYNEYIVYDIAQVNLKYLLKLKFNFKTS
;
_entity_poly.pdbx_strand_id   A
#
# COMPACT_ATOMS: atom_id res chain seq x y z
N LYS A 23 -0.51 -20.12 26.00
CA LYS A 23 -1.10 -18.79 25.69
C LYS A 23 -0.04 -17.85 25.10
N SER A 24 -0.47 -16.83 24.36
CA SER A 24 0.40 -15.95 23.57
C SER A 24 1.18 -14.96 24.46
N LYS A 25 2.43 -14.68 24.09
CA LYS A 25 3.30 -13.64 24.72
C LYS A 25 3.41 -12.43 23.80
N LEU A 26 2.58 -12.37 22.75
CA LEU A 26 2.51 -11.19 21.86
C LEU A 26 1.61 -10.17 22.52
N PRO A 27 1.84 -8.87 22.24
CA PRO A 27 0.90 -7.82 22.63
C PRO A 27 -0.49 -8.09 22.02
N LYS A 28 -1.52 -7.67 22.76
CA LYS A 28 -2.94 -7.96 22.45
C LYS A 28 -3.25 -7.51 21.02
N PRO A 29 -2.87 -6.28 20.59
CA PRO A 29 -3.18 -5.84 19.23
C PRO A 29 -2.60 -6.75 18.14
N VAL A 30 -1.43 -7.34 18.36
CA VAL A 30 -0.79 -8.28 17.40
C VAL A 30 -1.55 -9.60 17.45
N GLN A 31 -1.96 -10.06 18.64
CA GLN A 31 -2.80 -11.27 18.77
C GLN A 31 -4.06 -11.10 17.89
N ASP A 32 -4.74 -9.96 18.00
CA ASP A 32 -6.01 -9.69 17.29
C ASP A 32 -5.74 -9.60 15.79
N LEU A 33 -4.59 -9.06 15.38
CA LEU A 33 -4.19 -9.03 13.96
C LEU A 33 -4.06 -10.47 13.47
N ILE A 34 -3.39 -11.34 14.24
CA ILE A 34 -3.14 -12.76 13.90
C ILE A 34 -4.50 -13.47 13.71
N LYS A 35 -5.41 -13.33 14.68
CA LYS A 35 -6.76 -13.94 14.66
C LYS A 35 -7.52 -13.49 13.41
N MET A 36 -7.40 -12.21 13.05
CA MET A 36 -8.06 -11.64 11.85
C MET A 36 -7.45 -12.24 10.57
N ILE A 37 -6.12 -12.42 10.51
CA ILE A 37 -5.39 -12.90 9.30
C ILE A 37 -5.65 -14.39 9.10
N PHE A 38 -5.68 -15.18 10.17
CA PHE A 38 -5.83 -16.66 10.10
C PHE A 38 -7.29 -17.09 10.26
N GLY A 39 -8.17 -16.21 10.75
CA GLY A 39 -9.63 -16.44 10.90
C GLY A 39 -9.96 -17.70 11.67
N ASP A 47 -4.38 -23.55 14.86
CA ASP A 47 -3.04 -23.55 15.50
C ASP A 47 -2.98 -22.46 16.56
N PRO A 48 -2.05 -22.49 17.54
CA PRO A 48 -1.93 -21.42 18.51
C PRO A 48 -1.50 -20.12 17.82
N ILE A 49 -1.85 -19.00 18.45
CA ILE A 49 -1.63 -17.62 17.92
C ILE A 49 -0.15 -17.40 17.61
N ASP A 50 0.75 -17.83 18.50
CA ASP A 50 2.21 -17.61 18.39
C ASP A 50 2.76 -18.48 17.26
N VAL A 51 2.21 -19.67 17.03
CA VAL A 51 2.64 -20.57 15.93
C VAL A 51 2.24 -19.92 14.60
N ASN A 52 1.06 -19.32 14.53
CA ASN A 52 0.55 -18.63 13.31
C ASN A 52 1.38 -17.37 13.05
N TYR A 53 1.80 -16.67 14.11
CA TYR A 53 2.70 -15.49 14.00
C TYR A 53 3.96 -15.90 13.22
N GLU A 54 4.60 -17.01 13.63
CA GLU A 54 5.89 -17.43 13.02
C GLU A 54 5.70 -17.74 11.54
N LYS A 55 4.55 -18.28 11.13
CA LYS A 55 4.30 -18.59 9.70
C LYS A 55 4.35 -17.31 8.83
N LEU A 56 4.10 -16.13 9.40
CA LEU A 56 4.15 -14.85 8.63
C LEU A 56 5.61 -14.45 8.34
N LYS A 57 6.59 -15.02 9.03
CA LYS A 57 8.04 -14.72 8.84
C LYS A 57 8.23 -13.20 8.77
N THR A 58 7.54 -12.47 9.64
CA THR A 58 7.45 -10.99 9.63
C THR A 58 7.54 -10.49 11.08
N ASP A 59 8.45 -9.56 11.36
CA ASP A 59 8.49 -8.87 12.67
C ASP A 59 7.38 -7.84 12.69
N ILE A 60 6.52 -7.88 13.71
CA ILE A 60 5.34 -6.99 13.83
C ILE A 60 5.43 -6.24 15.17
N LYS A 61 5.36 -4.91 15.11
CA LYS A 61 5.38 -4.00 16.28
C LYS A 61 4.18 -3.08 16.21
N VAL A 62 3.53 -2.85 17.35
CA VAL A 62 2.49 -1.80 17.49
C VAL A 62 3.22 -0.45 17.48
N VAL A 63 2.85 0.44 16.58
CA VAL A 63 3.27 1.87 16.64
C VAL A 63 2.39 2.54 17.72
N ASP A 64 3.00 3.29 18.64
CA ASP A 64 2.24 4.03 19.67
C ASP A 64 1.33 5.06 18.98
N ARG A 65 0.05 5.00 19.34
CA ARG A 65 -1.02 6.01 19.06
C ARG A 65 -0.43 7.43 19.01
N ASP A 66 0.38 7.84 19.99
CA ASP A 66 0.77 9.26 20.19
C ASP A 66 2.15 9.57 19.62
N SER A 67 2.75 8.63 18.88
CA SER A 67 4.07 8.82 18.22
C SER A 67 3.90 9.74 17.01
N GLU A 68 5.01 10.34 16.58
CA GLU A 68 5.10 11.18 15.35
C GLU A 68 4.80 10.30 14.13
N GLU A 69 5.32 9.08 14.10
CA GLU A 69 5.05 8.09 13.02
C GLU A 69 3.54 7.95 12.85
N ALA A 70 2.83 7.79 13.97
CA ALA A 70 1.37 7.57 14.01
C ALA A 70 0.66 8.83 13.48
N GLU A 71 1.08 10.02 13.93
CA GLU A 71 0.49 11.32 13.48
C GLU A 71 0.58 11.40 11.95
N ILE A 72 1.75 11.12 11.38
CA ILE A 72 2.02 11.20 9.92
C ILE A 72 1.11 10.22 9.18
N ILE A 73 1.04 8.98 9.66
CA ILE A 73 0.20 7.94 8.99
C ILE A 73 -1.28 8.33 9.08
N ARG A 74 -1.78 8.74 10.25
CA ARG A 74 -3.20 9.17 10.39
C ARG A 74 -3.48 10.37 9.48
N LYS A 75 -2.51 11.26 9.30
CA LYS A 75 -2.63 12.43 8.40
C LYS A 75 -2.69 11.98 6.93
N TYR A 76 -1.92 10.95 6.57
CA TYR A 76 -1.92 10.36 5.20
C TYR A 76 -3.32 9.81 4.89
N VAL A 77 -3.90 9.08 5.85
CA VAL A 77 -5.27 8.51 5.74
C VAL A 77 -6.29 9.65 5.60
N LYS A 78 -6.24 10.64 6.47
CA LYS A 78 -7.24 11.74 6.50
C LYS A 78 -7.21 12.51 5.18
N ASN A 79 -6.03 12.79 4.64
CA ASN A 79 -5.86 13.81 3.56
C ASN A 79 -6.06 13.21 2.17
N THR A 80 -5.91 11.89 2.01
CA THR A 80 -5.86 11.23 0.67
C THR A 80 -7.07 10.30 0.51
N HIS A 81 -8.14 10.56 1.25
CA HIS A 81 -9.47 9.93 0.99
C HIS A 81 -10.09 10.69 -0.18
N ALA A 82 -10.27 10.03 -1.33
CA ALA A 82 -10.78 10.62 -2.57
C ALA A 82 -12.24 11.05 -2.38
N THR A 83 -12.64 12.14 -3.03
CA THR A 83 -14.01 12.70 -2.90
C THR A 83 -15.02 11.73 -3.52
N THR A 84 -14.62 10.93 -4.53
CA THR A 84 -15.55 10.03 -5.27
C THR A 84 -15.75 8.73 -4.50
N HIS A 85 -14.92 8.44 -3.49
CA HIS A 85 -15.03 7.24 -2.62
C HIS A 85 -15.83 7.59 -1.36
N ASN A 86 -17.12 7.91 -1.49
CA ASN A 86 -17.91 8.51 -0.39
C ASN A 86 -18.88 7.47 0.20
N ALA A 87 -18.75 6.19 -0.18
CA ALA A 87 -19.56 5.10 0.41
C ALA A 87 -19.15 4.84 1.87
N TYR A 88 -17.92 5.20 2.28
CA TYR A 88 -17.40 4.95 3.64
C TYR A 88 -16.41 6.05 4.06
N ASP A 89 -16.24 6.18 5.37
CA ASP A 89 -15.12 6.92 6.03
CA ASP A 89 -15.08 6.90 5.97
C ASP A 89 -14.20 5.86 6.66
N LEU A 90 -12.92 6.21 6.85
CA LEU A 90 -11.87 5.34 7.43
C LEU A 90 -11.41 5.86 8.77
N GLU A 91 -11.37 4.97 9.76
CA GLU A 91 -10.74 5.20 11.08
CA GLU A 91 -10.75 5.19 11.09
C GLU A 91 -9.60 4.18 11.24
N VAL A 92 -8.41 4.67 11.63
CA VAL A 92 -7.23 3.79 11.89
C VAL A 92 -7.41 3.19 13.29
N ILE A 93 -7.59 1.88 13.38
CA ILE A 93 -7.67 1.14 14.68
C ILE A 93 -6.25 0.95 15.22
N ASP A 94 -5.41 0.20 14.50
CA ASP A 94 -4.03 -0.13 14.93
C ASP A 94 -3.09 0.20 13.77
N ILE A 95 -1.88 0.66 14.08
CA ILE A 95 -0.77 0.79 13.08
C ILE A 95 0.32 -0.17 13.51
N PHE A 96 0.80 -1.00 12.58
CA PHE A 96 1.89 -1.96 12.82
C PHE A 96 3.08 -1.55 11.96
N LYS A 97 4.25 -1.51 12.57
CA LYS A 97 5.54 -1.48 11.86
C LYS A 97 5.89 -2.92 11.54
N ILE A 98 6.20 -3.23 10.28
CA ILE A 98 6.49 -4.62 9.85
C ILE A 98 7.84 -4.69 9.15
N GLU A 99 8.47 -5.85 9.27
CA GLU A 99 9.80 -6.18 8.72
C GLU A 99 9.75 -7.64 8.29
N ARG A 100 9.48 -7.91 7.01
CA ARG A 100 9.52 -9.29 6.46
C ARG A 100 10.95 -9.82 6.63
N GLU A 101 11.08 -11.06 7.09
CA GLU A 101 12.37 -11.80 7.10
C GLU A 101 13.08 -11.62 5.75
N GLY A 102 14.32 -11.13 5.79
CA GLY A 102 15.24 -11.02 4.65
C GLY A 102 14.84 -9.98 3.62
N GLU A 103 13.66 -9.36 3.73
CA GLU A 103 13.20 -8.35 2.73
C GLU A 103 14.23 -7.20 2.70
N CYS A 104 14.96 -6.94 3.80
CA CYS A 104 16.12 -6.01 3.85
C CYS A 104 17.13 -6.38 2.75
N GLN A 105 17.91 -7.46 2.95
CA GLN A 105 18.86 -8.05 1.95
C GLN A 105 18.26 -8.01 0.55
N ARG A 106 16.97 -8.36 0.39
CA ARG A 106 16.30 -8.38 -0.94
C ARG A 106 16.19 -6.97 -1.54
N TYR A 107 16.09 -5.94 -0.70
CA TYR A 107 15.80 -4.54 -1.12
C TYR A 107 17.12 -3.80 -1.38
N LYS A 108 18.23 -4.39 -0.95
CA LYS A 108 19.61 -3.83 -1.04
C LYS A 108 19.91 -3.28 -2.43
N PRO A 109 19.66 -3.99 -3.55
CA PRO A 109 19.97 -3.45 -4.88
C PRO A 109 19.25 -2.14 -5.26
N PHE A 110 18.16 -1.80 -4.57
CA PHE A 110 17.28 -0.64 -4.87
C PHE A 110 17.33 0.41 -3.73
N LYS A 111 18.09 0.12 -2.66
CA LYS A 111 18.14 0.87 -1.37
C LYS A 111 18.40 2.38 -1.57
N GLN A 112 19.28 2.73 -2.52
CA GLN A 112 19.73 4.13 -2.76
C GLN A 112 19.29 4.60 -4.15
N LEU A 113 18.34 3.91 -4.79
CA LEU A 113 17.64 4.43 -5.99
C LEU A 113 16.87 5.66 -5.51
N HIS A 114 16.86 6.72 -6.31
CA HIS A 114 16.10 7.97 -6.01
C HIS A 114 14.60 7.73 -6.08
N ASN A 115 13.81 8.68 -5.59
CA ASN A 115 12.34 8.70 -5.73
C ASN A 115 11.78 7.44 -5.07
N ARG A 116 12.03 7.32 -3.78
CA ARG A 116 11.46 6.26 -2.92
C ARG A 116 10.28 6.89 -2.21
N ARG A 117 9.13 6.21 -2.25
CA ARG A 117 7.79 6.76 -1.95
C ARG A 117 7.03 5.78 -1.07
N LEU A 118 6.37 6.27 -0.04
CA LEU A 118 5.55 5.47 0.89
C LEU A 118 4.12 5.45 0.34
N LEU A 119 3.69 4.31 -0.19
CA LEU A 119 2.42 4.19 -0.97
C LEU A 119 1.56 3.07 -0.40
N TRP A 120 0.26 3.19 -0.65
CA TRP A 120 -0.78 2.23 -0.20
C TRP A 120 -0.86 1.01 -1.12
N HIS A 121 -1.09 -0.16 -0.52
CA HIS A 121 -1.57 -1.37 -1.20
C HIS A 121 -2.65 -2.03 -0.35
N GLY A 122 -3.86 -2.10 -0.88
CA GLY A 122 -5.01 -2.82 -0.30
C GLY A 122 -5.17 -4.19 -0.92
N SER A 123 -5.65 -5.13 -0.11
CA SER A 123 -5.96 -6.51 -0.51
C SER A 123 -6.98 -7.09 0.48
N ARG A 124 -7.69 -8.13 0.05
CA ARG A 124 -8.61 -8.92 0.90
C ARG A 124 -7.82 -9.45 2.10
N THR A 125 -8.48 -9.47 3.25
CA THR A 125 -7.90 -9.92 4.53
C THR A 125 -7.34 -11.33 4.36
N THR A 126 -8.07 -12.18 3.63
CA THR A 126 -7.75 -13.63 3.39
C THR A 126 -6.42 -13.76 2.63
N ASN A 127 -5.87 -12.68 2.08
CA ASN A 127 -4.60 -12.71 1.29
C ASN A 127 -3.39 -12.41 2.18
N PHE A 128 -3.59 -11.88 3.40
CA PHE A 128 -2.48 -11.28 4.18
C PHE A 128 -1.48 -12.30 4.70
N ALA A 129 -1.89 -13.52 5.00
CA ALA A 129 -0.95 -14.59 5.42
C ALA A 129 0.03 -14.85 4.27
N GLY A 130 -0.46 -14.93 3.03
CA GLY A 130 0.39 -15.09 1.84
C GLY A 130 1.23 -13.85 1.60
N ILE A 131 0.64 -12.66 1.75
CA ILE A 131 1.38 -11.40 1.46
C ILE A 131 2.53 -11.21 2.46
N LEU A 132 2.30 -11.44 3.75
CA LEU A 132 3.38 -11.27 4.76
C LEU A 132 4.41 -12.40 4.60
N SER A 133 3.99 -13.65 4.43
CA SER A 133 4.92 -14.80 4.33
C SER A 133 5.73 -14.72 3.03
N GLN A 134 5.16 -14.28 1.90
CA GLN A 134 5.86 -14.35 0.58
C GLN A 134 6.22 -12.96 0.04
N GLY A 135 5.65 -11.90 0.59
CA GLY A 135 5.75 -10.55 0.01
C GLY A 135 4.69 -10.34 -1.04
N LEU A 136 4.51 -9.10 -1.49
CA LEU A 136 3.65 -8.81 -2.66
C LEU A 136 4.30 -9.45 -3.87
N ARG A 137 3.49 -10.10 -4.69
CA ARG A 137 3.96 -10.82 -5.89
C ARG A 137 3.14 -10.36 -7.10
N ILE A 138 3.76 -10.46 -8.26
CA ILE A 138 3.12 -10.19 -9.56
C ILE A 138 2.14 -11.34 -9.82
N ALA A 139 0.93 -11.03 -10.26
CA ALA A 139 -0.09 -12.03 -10.64
C ALA A 139 0.55 -13.03 -11.60
N PRO A 140 0.22 -14.34 -11.49
CA PRO A 140 0.80 -15.33 -12.38
C PRO A 140 0.27 -15.19 -13.81
N PRO A 141 0.99 -15.74 -14.81
CA PRO A 141 0.57 -15.61 -16.21
C PRO A 141 -0.88 -16.06 -16.46
N GLU A 142 -1.36 -17.04 -15.69
CA GLU A 142 -2.70 -17.67 -15.86
C GLU A 142 -3.77 -16.94 -15.05
N ALA A 143 -3.50 -15.76 -14.52
CA ALA A 143 -4.54 -14.89 -13.92
C ALA A 143 -4.97 -13.88 -14.98
N PRO A 144 -6.21 -13.37 -14.97
CA PRO A 144 -6.62 -12.36 -15.94
C PRO A 144 -5.83 -11.06 -15.75
N VAL A 145 -5.55 -10.37 -16.88
CA VAL A 145 -4.89 -9.04 -16.89
C VAL A 145 -5.95 -7.96 -16.61
N THR A 146 -7.20 -8.38 -16.46
CA THR A 146 -8.34 -7.51 -16.12
C THR A 146 -8.07 -6.85 -14.76
N GLY A 147 -8.12 -5.51 -14.73
CA GLY A 147 -7.92 -4.68 -13.54
C GLY A 147 -6.55 -4.05 -13.51
N TYR A 148 -5.66 -4.44 -14.42
CA TYR A 148 -4.25 -3.98 -14.48
C TYR A 148 -4.05 -3.14 -15.73
N MET A 149 -4.13 -1.82 -15.59
CA MET A 149 -4.08 -0.85 -16.72
CA MET A 149 -4.12 -0.94 -16.79
C MET A 149 -2.70 -0.90 -17.39
N PHE A 150 -1.68 -1.33 -16.66
CA PHE A 150 -0.28 -1.32 -17.15
C PHE A 150 0.32 -2.73 -17.14
N GLY A 151 -0.52 -3.74 -17.14
CA GLY A 151 -0.08 -5.14 -17.18
C GLY A 151 0.20 -5.66 -15.78
N LYS A 152 0.58 -6.92 -15.70
CA LYS A 152 0.89 -7.58 -14.41
C LYS A 152 2.10 -6.89 -13.77
N GLY A 153 1.94 -6.46 -12.54
CA GLY A 153 2.98 -5.79 -11.74
C GLY A 153 2.49 -5.65 -10.33
N ILE A 154 3.22 -4.90 -9.51
CA ILE A 154 2.76 -4.58 -8.12
CA ILE A 154 2.78 -4.58 -8.12
C ILE A 154 2.27 -3.14 -8.12
N TYR A 155 1.00 -2.97 -7.75
CA TYR A 155 0.23 -1.70 -7.89
C TYR A 155 0.10 -1.04 -6.52
N PHE A 156 0.27 0.27 -6.50
CA PHE A 156 0.16 1.13 -5.30
C PHE A 156 -0.63 2.38 -5.67
N ALA A 157 -1.26 3.02 -4.68
CA ALA A 157 -1.92 4.34 -4.83
C ALA A 157 -1.28 5.32 -3.85
N ASP A 158 -1.43 6.61 -4.11
CA ASP A 158 -1.11 7.68 -3.14
C ASP A 158 -2.39 8.17 -2.47
N MET A 159 -3.54 7.61 -2.83
CA MET A 159 -4.85 7.94 -2.22
C MET A 159 -5.29 6.70 -1.43
N VAL A 160 -5.40 6.82 -0.12
CA VAL A 160 -5.72 5.68 0.78
C VAL A 160 -6.98 4.96 0.27
N SER A 161 -8.03 5.68 -0.14
CA SER A 161 -9.35 5.10 -0.47
C SER A 161 -9.23 4.27 -1.75
N LYS A 162 -8.38 4.69 -2.70
CA LYS A 162 -8.22 3.96 -3.97
C LYS A 162 -7.69 2.56 -3.62
N SER A 163 -6.73 2.46 -2.70
CA SER A 163 -6.18 1.18 -2.21
C SER A 163 -7.20 0.47 -1.31
N ALA A 164 -7.87 1.20 -0.41
CA ALA A 164 -8.82 0.61 0.58
C ALA A 164 -9.98 -0.10 -0.14
N ASN A 165 -10.40 0.41 -1.31
CA ASN A 165 -11.43 -0.24 -2.16
C ASN A 165 -11.05 -1.69 -2.48
N TYR A 166 -9.74 -2.02 -2.56
CA TYR A 166 -9.29 -3.41 -2.88
C TYR A 166 -9.34 -4.33 -1.64
N CYS A 167 -9.72 -3.82 -0.47
CA CYS A 167 -9.90 -4.65 0.76
C CYS A 167 -11.20 -5.45 0.67
N HIS A 168 -12.16 -5.01 -0.15
CA HIS A 168 -13.50 -5.63 -0.34
C HIS A 168 -14.18 -5.87 1.01
N THR A 169 -14.11 -4.87 1.90
CA THR A 169 -14.92 -4.82 3.14
C THR A 169 -16.37 -4.50 2.77
N SER A 170 -17.29 -4.86 3.65
CA SER A 170 -18.75 -4.58 3.54
C SER A 170 -19.26 -4.13 4.91
N GLN A 171 -20.48 -3.63 5.00
CA GLN A 171 -21.11 -3.19 6.28
C GLN A 171 -21.03 -4.35 7.29
N GLY A 172 -21.19 -5.60 6.83
CA GLY A 172 -21.19 -6.83 7.65
C GLY A 172 -19.80 -7.36 7.94
N ASP A 173 -18.78 -6.90 7.19
CA ASP A 173 -17.35 -7.23 7.42
C ASP A 173 -16.54 -5.93 7.25
N PRO A 174 -16.66 -4.99 8.21
CA PRO A 174 -16.24 -3.61 8.00
C PRO A 174 -14.79 -3.30 8.43
N ILE A 175 -14.01 -4.32 8.78
CA ILE A 175 -12.59 -4.17 9.18
C ILE A 175 -11.70 -4.71 8.05
N GLY A 176 -10.71 -3.93 7.63
CA GLY A 176 -9.78 -4.34 6.57
C GLY A 176 -8.35 -4.06 6.96
N LEU A 177 -7.44 -4.59 6.15
CA LEU A 177 -5.99 -4.47 6.34
C LEU A 177 -5.42 -3.79 5.11
N ILE A 178 -4.54 -2.80 5.33
CA ILE A 178 -3.88 -2.07 4.23
C ILE A 178 -2.38 -1.91 4.54
N LEU A 179 -1.55 -1.97 3.51
CA LEU A 179 -0.08 -1.85 3.66
C LEU A 179 0.37 -0.45 3.25
N LEU A 180 1.43 0.04 3.90
CA LEU A 180 2.32 1.09 3.36
C LEU A 180 3.65 0.45 2.98
N GLY A 181 3.99 0.51 1.71
CA GLY A 181 5.30 0.07 1.21
C GLY A 181 6.17 1.25 0.85
N GLU A 182 7.44 1.13 1.16
CA GLU A 182 8.50 1.93 0.52
C GLU A 182 8.73 1.35 -0.87
N VAL A 183 8.45 2.15 -1.89
CA VAL A 183 8.54 1.71 -3.32
C VAL A 183 9.65 2.51 -3.96
N ALA A 184 10.63 1.81 -4.49
CA ALA A 184 11.78 2.40 -5.20
C ALA A 184 11.34 2.65 -6.64
N LEU A 185 10.82 3.85 -6.91
CA LEU A 185 10.20 4.21 -8.20
C LEU A 185 11.24 4.65 -9.23
N GLY A 186 12.33 5.28 -8.78
CA GLY A 186 13.40 5.81 -9.66
C GLY A 186 12.81 6.67 -10.77
N ASN A 187 13.26 6.47 -12.01
CA ASN A 187 12.72 7.20 -13.18
C ASN A 187 11.38 6.56 -13.57
N MET A 188 10.30 7.31 -13.45
CA MET A 188 8.93 6.82 -13.68
C MET A 188 8.57 7.03 -15.16
N TYR A 189 8.03 5.98 -15.78
CA TYR A 189 7.40 6.01 -17.13
C TYR A 189 5.97 6.47 -16.90
N GLU A 190 5.69 7.72 -17.22
CA GLU A 190 4.42 8.40 -16.86
C GLU A 190 3.41 8.26 -18.00
N LEU A 191 2.33 7.50 -17.76
CA LEU A 191 1.31 7.14 -18.76
C LEU A 191 -0.08 7.60 -18.29
N LYS A 192 -0.94 7.94 -19.25
CA LYS A 192 -2.31 8.46 -19.03
C LYS A 192 -3.35 7.43 -19.49
N HIS A 193 -2.96 6.47 -20.33
CA HIS A 193 -3.92 5.45 -20.86
C HIS A 193 -3.34 4.04 -20.71
N ALA A 194 -4.23 3.05 -20.64
CA ALA A 194 -3.85 1.63 -20.44
C ALA A 194 -2.88 1.22 -21.55
N SER A 195 -1.83 0.50 -21.17
CA SER A 195 -0.75 0.03 -22.06
C SER A 195 0.01 -1.08 -21.34
N HIS A 196 -0.05 -2.29 -21.87
CA HIS A 196 0.56 -3.50 -21.25
C HIS A 196 1.99 -3.62 -21.74
N ILE A 197 2.88 -2.81 -21.16
CA ILE A 197 4.29 -2.70 -21.64
C ILE A 197 4.98 -4.05 -21.40
N SER A 198 5.64 -4.59 -22.42
CA SER A 198 6.41 -5.86 -22.33
C SER A 198 7.72 -5.62 -21.57
N LYS A 199 8.20 -4.38 -21.56
CA LYS A 199 9.55 -4.01 -21.08
C LYS A 199 9.55 -2.50 -20.79
N LEU A 200 10.09 -2.06 -19.66
CA LEU A 200 10.26 -0.62 -19.37
C LEU A 200 11.25 -0.01 -20.37
N PRO A 201 11.05 1.25 -20.81
CA PRO A 201 12.08 1.94 -21.57
C PRO A 201 13.40 1.93 -20.78
N LYS A 202 14.52 2.05 -21.47
CA LYS A 202 15.87 2.07 -20.85
C LYS A 202 15.92 3.28 -19.89
N GLY A 203 16.36 3.03 -18.67
CA GLY A 203 16.55 4.07 -17.62
C GLY A 203 15.29 4.31 -16.80
N LYS A 204 14.18 3.62 -17.10
CA LYS A 204 12.93 3.70 -16.30
C LYS A 204 12.85 2.52 -15.32
N HIS A 205 12.34 2.75 -14.12
CA HIS A 205 12.31 1.73 -13.03
C HIS A 205 10.86 1.36 -12.67
N SER A 206 9.90 2.16 -13.13
CA SER A 206 8.49 2.05 -12.70
C SER A 206 7.58 2.75 -13.70
N VAL A 207 6.27 2.50 -13.58
CA VAL A 207 5.21 3.23 -14.31
C VAL A 207 4.43 4.04 -13.28
N LYS A 208 4.13 5.28 -13.62
CA LYS A 208 3.13 6.11 -12.90
C LYS A 208 1.98 6.38 -13.87
N GLY A 209 0.79 5.90 -13.53
CA GLY A 209 -0.47 6.29 -14.17
C GLY A 209 -0.85 7.66 -13.65
N LEU A 210 -0.99 8.64 -14.55
CA LEU A 210 -1.20 10.06 -14.20
C LEU A 210 -2.70 10.30 -13.99
N GLY A 211 -3.11 10.57 -12.74
CA GLY A 211 -4.51 10.91 -12.40
C GLY A 211 -4.82 12.40 -12.54
N LYS A 212 -6.10 12.71 -12.72
CA LYS A 212 -6.65 14.07 -12.72
C LYS A 212 -6.43 14.74 -11.36
N THR A 213 -6.42 13.96 -10.27
CA THR A 213 -6.26 14.48 -8.88
C THR A 213 -5.01 13.87 -8.23
N THR A 214 -4.24 14.71 -7.56
CA THR A 214 -2.93 14.34 -6.99
C THR A 214 -2.81 14.99 -5.61
N PRO A 215 -2.23 14.30 -4.61
CA PRO A 215 -1.77 14.97 -3.40
C PRO A 215 -0.91 16.17 -3.80
N ASP A 216 -1.16 17.31 -3.19
CA ASP A 216 -0.39 18.56 -3.35
C ASP A 216 1.10 18.26 -3.11
N PRO A 217 1.96 18.33 -4.15
CA PRO A 217 3.39 18.01 -4.00
C PRO A 217 4.13 18.88 -2.97
N SER A 218 3.64 20.10 -2.74
CA SER A 218 4.25 21.06 -1.78
C SER A 218 4.12 20.52 -0.34
N ALA A 219 3.17 19.62 -0.09
CA ALA A 219 2.87 19.11 1.28
C ALA A 219 3.58 17.77 1.51
N ASN A 220 4.36 17.29 0.55
CA ASN A 220 5.22 16.07 0.71
C ASN A 220 6.10 16.23 1.96
N ILE A 221 6.21 15.18 2.76
CA ILE A 221 7.15 15.14 3.92
C ILE A 221 7.98 13.86 3.78
N SER A 222 9.07 13.78 4.55
CA SER A 222 10.09 12.72 4.49
C SER A 222 10.05 11.93 5.81
N LEU A 223 9.68 10.64 5.75
CA LEU A 223 9.67 9.71 6.92
C LEU A 223 10.73 8.62 6.71
N ASP A 224 11.86 8.70 7.43
CA ASP A 224 12.95 7.69 7.38
C ASP A 224 13.59 7.67 5.99
N GLY A 225 13.82 8.84 5.41
CA GLY A 225 14.38 9.01 4.06
C GLY A 225 13.42 8.59 2.96
N VAL A 226 12.12 8.41 3.27
CA VAL A 226 11.09 8.05 2.26
C VAL A 226 10.07 9.20 2.12
N ASP A 227 9.77 9.59 0.87
CA ASP A 227 8.76 10.64 0.55
C ASP A 227 7.35 10.11 0.85
N VAL A 228 6.57 10.90 1.58
CA VAL A 228 5.15 10.64 1.93
C VAL A 228 4.29 11.73 1.32
N PRO A 229 3.55 11.41 0.24
CA PRO A 229 2.67 12.38 -0.43
C PRO A 229 1.30 12.43 0.24
N LEU A 230 1.26 12.97 1.46
CA LEU A 230 0.03 13.05 2.30
C LEU A 230 -0.68 14.39 2.10
N GLY A 231 -0.34 15.17 1.07
CA GLY A 231 -1.04 16.43 0.75
C GLY A 231 -2.49 16.16 0.36
N THR A 232 -3.42 17.06 0.69
CA THR A 232 -4.82 16.96 0.19
C THR A 232 -4.80 17.01 -1.34
N GLY A 233 -5.76 16.32 -1.97
CA GLY A 233 -5.92 16.22 -3.43
C GLY A 233 -6.17 17.59 -4.06
N ILE A 234 -5.40 17.90 -5.08
CA ILE A 234 -5.59 19.08 -5.98
C ILE A 234 -5.71 18.53 -7.39
N SER A 235 -6.24 19.34 -8.29
CA SER A 235 -6.17 19.09 -9.74
C SER A 235 -4.69 18.94 -10.14
N SER A 236 -4.32 17.88 -10.83
CA SER A 236 -2.94 17.67 -11.34
C SER A 236 -2.66 18.62 -12.53
N GLY A 237 -3.71 19.12 -13.19
CA GLY A 237 -3.59 19.85 -14.48
C GLY A 237 -3.13 18.92 -15.59
N VAL A 238 -3.23 17.60 -15.40
CA VAL A 238 -3.02 16.63 -16.51
C VAL A 238 -4.33 16.52 -17.27
N ASN A 239 -4.28 16.71 -18.58
CA ASN A 239 -5.47 16.63 -19.48
C ASN A 239 -5.39 15.33 -20.28
N ASP A 240 -6.52 14.83 -20.77
CA ASP A 240 -6.58 13.63 -21.66
C ASP A 240 -5.98 12.45 -20.87
N THR A 241 -6.55 12.13 -19.71
CA THR A 241 -6.14 10.97 -18.89
C THR A 241 -7.36 10.12 -18.54
N SER A 242 -7.17 8.79 -18.49
CA SER A 242 -8.19 7.78 -18.13
C SER A 242 -8.41 7.73 -16.62
N LEU A 243 -7.45 8.22 -15.83
CA LEU A 243 -7.40 7.94 -14.38
C LEU A 243 -7.90 9.13 -13.60
N LEU A 244 -8.75 8.90 -12.58
CA LEU A 244 -9.13 9.93 -11.59
C LEU A 244 -7.94 10.21 -10.66
N TYR A 245 -7.19 9.17 -10.30
CA TYR A 245 -6.12 9.19 -9.27
C TYR A 245 -4.86 8.49 -9.79
N ASN A 246 -3.71 8.89 -9.28
CA ASN A 246 -2.42 8.26 -9.62
C ASN A 246 -2.46 6.77 -9.27
N GLU A 247 -1.62 6.00 -9.96
CA GLU A 247 -1.20 4.67 -9.48
C GLU A 247 0.24 4.47 -9.91
N TYR A 248 0.93 3.60 -9.17
CA TYR A 248 2.38 3.39 -9.31
C TYR A 248 2.58 1.90 -9.41
N ILE A 249 3.39 1.48 -10.37
CA ILE A 249 3.60 0.05 -10.68
C ILE A 249 5.10 -0.24 -10.79
N VAL A 250 5.53 -1.31 -10.14
CA VAL A 250 6.90 -1.88 -10.31
C VAL A 250 6.73 -3.32 -10.78
N TYR A 251 7.66 -3.77 -11.60
CA TYR A 251 7.61 -5.10 -12.26
C TYR A 251 8.72 -5.97 -11.68
N ASP A 252 9.32 -5.54 -10.56
CA ASP A 252 10.32 -6.35 -9.81
C ASP A 252 9.93 -6.29 -8.33
N ILE A 253 9.69 -7.47 -7.75
CA ILE A 253 9.23 -7.66 -6.33
C ILE A 253 10.23 -7.01 -5.36
N ALA A 254 11.50 -6.96 -5.77
CA ALA A 254 12.65 -6.40 -5.01
C ALA A 254 12.56 -4.86 -4.87
N GLN A 255 11.69 -4.17 -5.61
CA GLN A 255 11.57 -2.70 -5.51
C GLN A 255 10.63 -2.31 -4.35
N VAL A 256 10.12 -3.31 -3.61
CA VAL A 256 9.11 -3.08 -2.56
C VAL A 256 9.71 -3.48 -1.21
N ASN A 257 9.62 -2.58 -0.25
CA ASN A 257 9.98 -2.85 1.17
C ASN A 257 8.74 -2.50 1.99
N LEU A 258 7.97 -3.49 2.41
CA LEU A 258 6.74 -3.29 3.22
C LEU A 258 7.14 -2.69 4.57
N LYS A 259 6.57 -1.55 4.97
CA LYS A 259 6.98 -0.82 6.19
C LYS A 259 5.89 -0.86 7.27
N TYR A 260 4.62 -0.70 6.89
CA TYR A 260 3.51 -0.64 7.87
C TYR A 260 2.30 -1.42 7.37
N LEU A 261 1.51 -1.85 8.33
CA LEU A 261 0.23 -2.55 8.11
C LEU A 261 -0.77 -1.87 9.03
N LEU A 262 -1.84 -1.33 8.46
CA LEU A 262 -2.91 -0.65 9.21
C LEU A 262 -4.11 -1.58 9.27
N LYS A 263 -4.76 -1.64 10.42
CA LYS A 263 -6.11 -2.20 10.61
C LYS A 263 -7.08 -1.03 10.53
N LEU A 264 -7.94 -1.03 9.51
CA LEU A 264 -8.88 0.08 9.22
C LEU A 264 -10.31 -0.34 9.55
N LYS A 265 -11.02 0.56 10.24
CA LYS A 265 -12.50 0.50 10.36
C LYS A 265 -13.07 1.26 9.15
N PHE A 266 -13.91 0.59 8.36
CA PHE A 266 -14.72 1.23 7.30
C PHE A 266 -16.09 1.55 7.88
N ASN A 267 -16.45 2.82 7.95
CA ASN A 267 -17.79 3.28 8.40
C ASN A 267 -18.64 3.55 7.14
N PHE A 268 -19.52 2.61 6.79
CA PHE A 268 -20.35 2.64 5.56
C PHE A 268 -21.52 3.61 5.75
N LYS A 269 -21.88 4.36 4.70
CA LYS A 269 -22.97 5.37 4.74
C LYS A 269 -24.17 4.86 3.93
#